data_9DBE
#
_entry.id   9DBE
#
loop_
_entity.id
_entity.type
_entity.pdbx_description
1 polymer 'FCoV-23 S long domain 0 in swung-out conformation (local refinement)'
2 branched 2-acetamido-2-deoxy-beta-D-glucopyranose-(1-4)-2-acetamido-2-deoxy-beta-D-glucopyranose
3 branched 2-acetamido-2-deoxy-beta-D-glucopyranose-(1-4)-[alpha-L-fucopyranose-(1-6)]2-acetamido-2-deoxy-beta-D-glucopyranose
4 non-polymer 2-acetamido-2-deoxy-beta-D-glucopyranose
5 water water
#
_entity_poly.entity_id   1
_entity_poly.type   'polypeptide(L)'
_entity_poly.pdbx_seq_one_letter_code
;MGILPSPGMPALLSLVSLLSVLLMGCVAETGTIKPNNDCRQVNVTQLDGNENLIRDFLFQNFKEEGTVVVGGYYPTEVWY
NCSKTLTTTAYAYFNNIHAFYFDMEAMENSTGNARGKPLLFHVHGEPVSVIIYISAYGDDVQHRPLLKHGLVCITKTRNV
DYNSFTSSQWNSICTGNDRKVPFSVIPTDNGTKIYGLEWNDELVTAYISGRSYNWNINNNWFNNVTLMYSRSSTATWLHS
AAYVYQGVSNFTYYKLNNTNGLKTYEFCEDYEYCTGYATNVFAPTVGGYIPDGFSFNNWFLLTNDSTFVSGRFVTNQPLL
VNCLWPVPSFGVAAQEFCFEGAQFSQCNGVSLNNTVDVIRFNLNFTADVQSGMGATVFSLNTTGGVILEISCYNDTVRES
SFYSYGEIPFGITDGPKYCYVLYNGTALKYLGTLPPSVKEIAISKWGHFYINGYNFFSTFPIDCISFNLTTSTSGAFWTI
AYTSYTEALVQVENTAIKKVTYCNSHINNIKCSQLTANLQNGFYPVASSEVGLVNKSVVLLPSFYSHTSVNITIDLGMKL
SGYGQPIASALSNITLPMQDNNTDVYCIRSNQFSVYVHSTCKSSLWDNVFNSDCTDVLHATAVIKTGTCPFSFDKLNNYL
TFNKFCLSLHPVGANCKFDVAARTRTNEQVVRSLYVIYEEGDNIAGVPSDNSGLHDLSVLHLDSCTDYNIYGKTGIGIIR
QTNSTLLSGLYYTSLSGDLLGFKNVTDGVVYSVTPCDVSAQAAVIDGTIVGAMTSINSELLGLTHWTTTPNFYYYSIYNY
TNERTRGTAIDSNDVDCEPIITYSNIGVCKNGALVFINVTHSDGDVQPISTGNVTIPTNFTISVQVEYIQVYTTPVSIDC
SRYVCNGNPRCNKLLTQYVSACQTIEQALAMGARLENMEVDSMLFVSENALKLASVEAFNSTEHLDPIYKEWPNIGGSWL
GGLKDILPSHNSKRKYRSAIEDLLFDKVVTSGLGTVDEDYKRCTGGYDIADLVCAQYYNGIMVLPGVANDDKMTMYTASL
AGGITLGALGGGAVAIPFAVAVQARLNYVALQTDVLNKNQQILANAFNQAIGNITQAFGKVNDAIHQTSKGLATVAKALA
KVQDVVNTQGQALSHLTVQLQNNFQAISSSISDIYNRLDPPSADAQVDRLITGRLTALNAFVSQTLTRQAEVRASRQLAK
DKVNECVRSQSQRFGFCGNGTHLFSLANAAPNGMIFFHTVLLPTAYETVTAWSGICASDGDHTFGLVVKDVQLTLFRNLD
DKFYLTPRTMYQPRVATISDFVQIEGCDVLFVNATVIELPGIIPDYIDINQTVQDILENYRPNWTVPELTLDIFNSTYLN
LTGEINDLEFRSEKLHNTTVELAVLIDNINNTLVNLEWLNRIETYVKSGGYIPEAPRDGQAYVRKDGEWVLLSTFLVPRG
SGGSGGSGLNDIFEAQKIEWHEGGSHHHHHHHH
;
_entity_poly.pdbx_strand_id   A
#
loop_
_chem_comp.id
_chem_comp.type
_chem_comp.name
_chem_comp.formula
FUC L-saccharide, alpha linking alpha-L-fucopyranose 'C6 H12 O5'
NAG D-saccharide, beta linking 2-acetamido-2-deoxy-beta-D-glucopyranose 'C8 H15 N O6'
#
# COMPACT_ATOMS: atom_id res chain seq x y z
N THR A 32 -9.32 -11.34 5.55
CA THR A 32 -9.91 -10.32 4.68
C THR A 32 -9.78 -10.72 3.22
N ILE A 33 -8.75 -11.49 2.92
CA ILE A 33 -8.49 -11.93 1.56
C ILE A 33 -9.35 -13.13 1.23
N LYS A 34 -9.72 -13.26 -0.04
CA LYS A 34 -10.38 -14.46 -0.51
C LYS A 34 -9.39 -15.63 -0.51
N PRO A 35 -9.88 -16.85 -0.28
CA PRO A 35 -8.98 -18.02 -0.28
C PRO A 35 -8.23 -18.16 -1.59
N ASN A 36 -6.94 -18.44 -1.48
CA ASN A 36 -6.06 -18.50 -2.64
C ASN A 36 -4.80 -19.26 -2.26
N ASN A 37 -4.42 -20.23 -3.08
CA ASN A 37 -3.26 -21.08 -2.78
C ASN A 37 -1.93 -20.38 -3.02
N ASP A 38 -1.92 -19.27 -3.76
CA ASP A 38 -0.69 -18.54 -4.00
C ASP A 38 -0.31 -17.59 -2.87
N CYS A 39 -1.23 -17.29 -1.96
CA CYS A 39 -1.00 -16.31 -0.91
C CYS A 39 -0.69 -17.01 0.40
N ARG A 40 0.44 -16.66 1.01
CA ARG A 40 0.87 -17.22 2.28
C ARG A 40 0.95 -16.14 3.33
N GLN A 41 0.89 -16.55 4.59
CA GLN A 41 0.99 -15.63 5.71
C GLN A 41 2.44 -15.45 6.12
N VAL A 42 2.77 -14.24 6.58
CA VAL A 42 4.15 -13.89 6.89
C VAL A 42 4.16 -12.89 8.04
N ASN A 43 5.16 -13.00 8.91
CA ASN A 43 5.40 -12.00 9.94
C ASN A 43 6.11 -10.81 9.30
N VAL A 44 5.44 -9.66 9.26
CA VAL A 44 5.96 -8.52 8.52
C VAL A 44 7.20 -7.93 9.19
N THR A 45 7.27 -8.00 10.53
CA THR A 45 8.38 -7.39 11.25
C THR A 45 9.69 -8.13 11.04
N GLN A 46 9.62 -9.45 10.81
CA GLN A 46 10.82 -10.28 10.74
C GLN A 46 11.51 -10.21 9.38
N LEU A 47 10.91 -9.56 8.39
CA LEU A 47 11.60 -9.35 7.13
C LEU A 47 12.70 -8.29 7.30
N ASP A 48 13.73 -8.37 6.45
CA ASP A 48 14.85 -7.47 6.56
C ASP A 48 14.43 -6.03 6.33
N GLY A 49 14.86 -5.13 7.22
CA GLY A 49 14.51 -3.73 7.13
C GLY A 49 13.16 -3.35 7.70
N ASN A 50 12.46 -4.29 8.33
CA ASN A 50 11.12 -4.03 8.85
C ASN A 50 11.06 -4.07 10.37
N GLU A 51 12.19 -3.89 11.05
CA GLU A 51 12.20 -3.99 12.51
C GLU A 51 11.30 -2.95 13.15
N ASN A 52 11.33 -1.71 12.65
CA ASN A 52 10.56 -0.61 13.21
C ASN A 52 9.47 -0.13 12.26
N LEU A 53 8.98 -1.01 11.39
CA LEU A 53 7.99 -0.61 10.40
C LEU A 53 6.67 -0.22 11.06
N ILE A 54 6.15 -1.08 11.94
CA ILE A 54 4.88 -0.79 12.60
C ILE A 54 5.07 0.22 13.73
N ARG A 55 6.23 0.21 14.37
CA ARG A 55 6.49 1.15 15.47
C ARG A 55 6.42 2.59 14.99
N ASP A 56 7.02 2.88 13.83
CA ASP A 56 7.06 4.26 13.35
C ASP A 56 5.71 4.74 12.89
N PHE A 57 4.83 3.85 12.45
CA PHE A 57 3.49 4.26 12.03
C PHE A 57 2.62 4.61 13.21
N LEU A 58 2.71 3.84 14.29
CA LEU A 58 1.86 4.08 15.46
C LEU A 58 2.22 5.38 16.17
N PHE A 59 3.50 5.77 16.17
CA PHE A 59 3.95 6.95 16.89
C PHE A 59 4.03 8.19 16.00
N GLN A 60 3.39 8.16 14.84
CA GLN A 60 3.40 9.30 13.93
C GLN A 60 2.67 10.50 14.52
N ASN A 61 1.62 10.28 15.30
CA ASN A 61 0.83 11.36 15.86
C ASN A 61 0.99 11.53 17.37
N PHE A 62 1.47 10.51 18.08
CA PHE A 62 1.67 10.58 19.52
C PHE A 62 3.11 11.02 19.77
N LYS A 63 3.30 12.33 20.00
CA LYS A 63 4.63 12.90 20.16
C LYS A 63 4.96 13.24 21.60
N GLU A 64 4.05 13.03 22.54
CA GLU A 64 4.27 13.41 23.93
C GLU A 64 5.02 12.31 24.66
N GLU A 65 5.10 12.42 25.98
CA GLU A 65 5.70 11.43 26.85
C GLU A 65 4.61 10.79 27.70
N GLY A 66 4.73 9.48 27.93
CA GLY A 66 3.71 8.79 28.68
C GLY A 66 2.95 7.76 27.87
N THR A 67 1.72 7.48 28.26
CA THR A 67 1.01 6.31 27.74
C THR A 67 -0.34 6.72 27.18
N VAL A 68 -0.75 6.01 26.12
CA VAL A 68 -2.08 6.22 25.56
C VAL A 68 -2.50 4.94 24.85
N VAL A 69 -3.81 4.65 24.87
CA VAL A 69 -4.36 3.54 24.11
C VAL A 69 -5.12 4.11 22.93
N VAL A 70 -4.70 3.72 21.73
CA VAL A 70 -5.23 4.28 20.49
C VAL A 70 -6.03 3.20 19.78
N GLY A 71 -7.13 3.61 19.15
CA GLY A 71 -7.97 2.72 18.38
C GLY A 71 -8.09 3.21 16.95
N GLY A 72 -8.13 2.26 16.01
CA GLY A 72 -8.25 2.62 14.62
C GLY A 72 -8.00 1.43 13.72
N TYR A 73 -7.92 1.71 12.42
CA TYR A 73 -7.71 0.67 11.41
C TYR A 73 -6.22 0.50 11.11
N TYR A 74 -5.48 0.06 12.14
CA TYR A 74 -4.04 -0.16 12.16
C TYR A 74 -3.69 -1.55 11.66
N PRO A 75 -2.51 -1.72 11.08
CA PRO A 75 -2.08 -3.05 10.65
C PRO A 75 -1.58 -3.89 11.80
N THR A 76 -1.85 -5.19 11.74
CA THR A 76 -1.38 -6.16 12.71
C THR A 76 -0.11 -6.84 12.21
N GLU A 77 0.30 -7.90 12.90
CA GLU A 77 1.62 -8.49 12.66
C GLU A 77 1.67 -9.36 11.41
N VAL A 78 0.61 -10.10 11.11
CA VAL A 78 0.63 -11.10 10.04
C VAL A 78 0.08 -10.46 8.76
N TRP A 79 0.90 -10.46 7.71
CA TRP A 79 0.53 -9.96 6.39
C TRP A 79 0.54 -11.11 5.39
N TYR A 80 0.29 -10.77 4.12
CA TYR A 80 0.18 -11.76 3.06
C TYR A 80 1.23 -11.52 1.96
N ASN A 81 1.87 -12.59 1.54
CA ASN A 81 2.76 -12.60 0.37
C ASN A 81 2.12 -13.50 -0.67
N CYS A 82 1.69 -12.90 -1.78
CA CYS A 82 1.12 -13.63 -2.90
C CYS A 82 2.13 -13.66 -4.03
N SER A 83 2.39 -14.84 -4.57
CA SER A 83 3.39 -14.99 -5.62
C SER A 83 3.05 -16.21 -6.47
N LYS A 84 3.54 -16.19 -7.71
CA LYS A 84 3.31 -17.28 -8.65
C LYS A 84 4.55 -17.43 -9.50
N THR A 85 5.10 -18.65 -9.56
CA THR A 85 6.30 -18.88 -10.35
C THR A 85 6.04 -18.76 -11.83
N LEU A 86 4.86 -19.15 -12.29
CA LEU A 86 4.53 -19.04 -13.70
C LEU A 86 4.06 -17.63 -14.05
N THR A 87 4.20 -17.30 -15.33
CA THR A 87 3.90 -15.94 -15.81
C THR A 87 2.47 -15.86 -16.35
N THR A 88 1.52 -16.20 -15.48
CA THR A 88 0.10 -16.02 -15.74
C THR A 88 -0.41 -14.87 -14.89
N THR A 89 -1.29 -14.05 -15.46
CA THR A 89 -1.86 -12.94 -14.71
C THR A 89 -2.68 -13.47 -13.53
N ALA A 90 -2.46 -12.91 -12.35
CA ALA A 90 -3.07 -13.40 -11.13
C ALA A 90 -3.64 -12.24 -10.32
N TYR A 91 -4.74 -12.51 -9.63
CA TYR A 91 -5.47 -11.50 -8.87
C TYR A 91 -5.77 -11.98 -7.46
N ALA A 92 -5.82 -11.03 -6.54
CA ALA A 92 -6.25 -11.28 -5.17
C ALA A 92 -7.32 -10.26 -4.80
N TYR A 93 -8.28 -10.69 -3.99
CA TYR A 93 -9.42 -9.86 -3.63
C TYR A 93 -9.51 -9.70 -2.12
N PHE A 94 -9.76 -8.47 -1.69
CA PHE A 94 -9.92 -8.12 -0.29
C PHE A 94 -11.30 -7.50 -0.11
N ASN A 95 -12.07 -7.99 0.85
CA ASN A 95 -13.46 -7.59 0.99
C ASN A 95 -13.72 -7.06 2.40
N ASN A 96 -14.69 -6.14 2.48
CA ASN A 96 -15.16 -5.56 3.74
C ASN A 96 -14.03 -4.92 4.54
N ILE A 97 -13.13 -4.22 3.84
CA ILE A 97 -11.97 -3.61 4.49
C ILE A 97 -12.13 -2.09 4.46
N HIS A 98 -11.54 -1.44 5.46
CA HIS A 98 -11.51 0.01 5.52
C HIS A 98 -10.15 0.60 5.20
N ALA A 99 -9.08 -0.18 5.32
CA ALA A 99 -7.75 0.34 5.01
C ALA A 99 -6.95 -0.72 4.27
N PHE A 100 -5.95 -0.27 3.53
CA PHE A 100 -5.05 -1.16 2.81
C PHE A 100 -3.62 -0.66 2.98
N TYR A 101 -2.73 -1.54 3.44
CA TYR A 101 -1.33 -1.21 3.65
C TYR A 101 -0.46 -2.16 2.86
N PHE A 102 0.70 -1.66 2.43
CA PHE A 102 1.69 -2.51 1.78
C PHE A 102 3.10 -2.03 2.11
N ASP A 103 4.05 -2.95 1.94
CA ASP A 103 5.46 -2.74 2.22
C ASP A 103 6.28 -3.38 1.10
N MET A 104 7.39 -2.72 0.76
CA MET A 104 8.27 -3.15 -0.31
C MET A 104 9.68 -3.38 0.25
N GLU A 105 10.47 -4.15 -0.50
CA GLU A 105 11.88 -4.31 -0.21
C GLU A 105 12.66 -3.07 -0.66
N ALA A 106 13.92 -3.00 -0.25
CA ALA A 106 14.76 -1.89 -0.66
C ALA A 106 15.06 -1.96 -2.15
N MET A 107 14.96 -0.83 -2.83
CA MET A 107 15.23 -0.79 -4.27
C MET A 107 16.72 -0.90 -4.54
N GLU A 108 17.04 -1.41 -5.73
CA GLU A 108 18.42 -1.38 -6.20
C GLU A 108 18.82 0.04 -6.56
N ASN A 109 20.04 0.42 -6.19
CA ASN A 109 20.58 1.76 -6.45
C ASN A 109 19.63 2.83 -5.91
N SER A 110 19.18 2.63 -4.68
CA SER A 110 18.14 3.48 -4.10
C SER A 110 18.59 4.93 -3.98
N THR A 111 19.88 5.17 -3.77
CA THR A 111 20.42 6.52 -3.65
C THR A 111 20.73 7.14 -5.01
N GLY A 112 20.56 6.39 -6.10
CA GLY A 112 20.85 6.89 -7.43
C GLY A 112 19.74 6.58 -8.41
N ASN A 113 20.09 5.89 -9.51
CA ASN A 113 19.10 5.49 -10.50
C ASN A 113 18.39 4.24 -9.99
N ALA A 114 17.40 4.47 -9.13
CA ALA A 114 16.71 3.39 -8.46
C ALA A 114 15.81 2.63 -9.41
N ARG A 115 15.81 1.30 -9.29
CA ARG A 115 15.02 0.43 -10.14
C ARG A 115 13.89 -0.19 -9.30
N GLY A 116 12.65 0.06 -9.71
CA GLY A 116 11.52 -0.37 -8.93
C GLY A 116 10.99 -1.74 -9.27
N LYS A 117 10.02 -2.19 -8.49
CA LYS A 117 9.27 -3.41 -8.70
C LYS A 117 7.79 -3.07 -8.84
N PRO A 118 7.04 -3.85 -9.63
CA PRO A 118 5.67 -3.45 -9.96
C PRO A 118 4.63 -3.93 -8.95
N LEU A 119 3.53 -3.18 -8.90
CA LEU A 119 2.39 -3.50 -8.06
C LEU A 119 1.19 -2.66 -8.49
N LEU A 120 0.04 -3.28 -8.69
CA LEU A 120 -1.17 -2.55 -9.05
C LEU A 120 -2.33 -2.98 -8.17
N PHE A 121 -3.10 -2.00 -7.69
CA PHE A 121 -4.35 -2.34 -7.03
C PHE A 121 -5.39 -1.26 -7.29
N HIS A 122 -6.65 -1.64 -7.08
CA HIS A 122 -7.81 -0.87 -7.50
C HIS A 122 -8.79 -0.82 -6.33
N VAL A 123 -9.05 0.37 -5.83
CA VAL A 123 -10.05 0.62 -4.80
C VAL A 123 -11.35 1.02 -5.50
N HIS A 124 -12.39 0.22 -5.28
CA HIS A 124 -13.64 0.33 -6.01
C HIS A 124 -14.61 1.27 -5.33
N GLY A 125 -15.39 1.98 -6.13
CA GLY A 125 -16.42 2.87 -5.62
C GLY A 125 -17.19 3.47 -6.77
N GLU A 126 -18.24 4.19 -6.43
CA GLU A 126 -19.04 4.89 -7.42
C GLU A 126 -19.34 6.30 -6.94
N PRO A 127 -19.35 7.28 -7.85
CA PRO A 127 -19.06 7.16 -9.28
C PRO A 127 -17.58 7.25 -9.62
N VAL A 128 -16.70 7.24 -8.61
CA VAL A 128 -15.26 7.42 -8.81
C VAL A 128 -14.53 6.29 -8.11
N SER A 129 -13.56 5.71 -8.82
CA SER A 129 -12.68 4.68 -8.25
C SER A 129 -11.23 5.10 -8.45
N VAL A 130 -10.34 4.44 -7.72
CA VAL A 130 -8.93 4.84 -7.68
C VAL A 130 -8.05 3.65 -8.02
N ILE A 131 -7.06 3.88 -8.88
CA ILE A 131 -6.07 2.87 -9.25
C ILE A 131 -4.70 3.36 -8.83
N ILE A 132 -3.97 2.52 -8.12
CA ILE A 132 -2.59 2.79 -7.73
C ILE A 132 -1.69 1.83 -8.51
N TYR A 133 -0.72 2.39 -9.24
CA TYR A 133 0.20 1.59 -10.05
C TYR A 133 1.63 2.03 -9.76
N ILE A 134 2.48 1.08 -9.35
CA ILE A 134 3.89 1.32 -9.16
C ILE A 134 4.63 0.48 -10.19
N SER A 135 5.32 1.13 -11.11
CA SER A 135 5.99 0.46 -12.22
C SER A 135 7.42 0.07 -11.83
N ALA A 136 8.05 -0.70 -12.71
CA ALA A 136 9.39 -1.20 -12.50
C ALA A 136 10.40 -0.39 -13.29
N TYR A 137 11.66 -0.82 -13.22
CA TYR A 137 12.78 -0.25 -13.97
C TYR A 137 13.10 1.16 -13.51
N GLY A 138 13.91 1.88 -14.29
CA GLY A 138 14.36 3.20 -13.87
C GLY A 138 14.12 4.30 -14.88
N ASP A 139 15.19 4.98 -15.28
CA ASP A 139 15.11 6.10 -16.21
C ASP A 139 14.92 5.67 -17.65
N ASP A 140 14.91 4.37 -17.94
CA ASP A 140 14.76 3.86 -19.29
C ASP A 140 13.29 3.73 -19.72
N VAL A 141 12.34 4.03 -18.84
CA VAL A 141 10.93 4.04 -19.20
C VAL A 141 10.61 5.38 -19.85
N GLN A 142 10.16 5.35 -21.10
CA GLN A 142 9.97 6.57 -21.86
C GLN A 142 8.77 7.36 -21.37
N HIS A 143 8.93 8.68 -21.32
CA HIS A 143 7.88 9.66 -21.04
C HIS A 143 7.46 9.67 -19.57
N ARG A 144 7.99 8.76 -18.78
CA ARG A 144 7.70 8.76 -17.35
C ARG A 144 8.66 9.70 -16.62
N PRO A 145 8.16 10.60 -15.78
CA PRO A 145 9.05 11.59 -15.14
C PRO A 145 10.09 10.92 -14.25
N LEU A 146 11.26 11.54 -14.19
CA LEU A 146 12.43 10.94 -13.55
C LEU A 146 12.20 10.71 -12.05
N LEU A 147 12.55 9.50 -11.60
CA LEU A 147 12.45 9.10 -10.19
C LEU A 147 11.04 9.22 -9.66
N LYS A 148 10.06 8.86 -10.49
CA LYS A 148 8.65 8.86 -10.10
C LYS A 148 8.04 7.55 -10.61
N HIS A 149 8.05 6.53 -9.77
CA HIS A 149 7.51 5.22 -10.11
C HIS A 149 6.03 5.08 -9.80
N GLY A 150 5.44 6.01 -9.07
CA GLY A 150 4.06 5.87 -8.61
C GLY A 150 3.09 6.64 -9.50
N LEU A 151 1.93 6.05 -9.73
CA LEU A 151 0.88 6.66 -10.53
C LEU A 151 -0.46 6.46 -9.84
N VAL A 152 -1.24 7.54 -9.75
CA VAL A 152 -2.60 7.51 -9.25
C VAL A 152 -3.52 7.84 -10.42
N CYS A 153 -4.48 6.96 -10.69
CA CYS A 153 -5.48 7.18 -11.73
C CYS A 153 -6.85 7.27 -11.06
N ILE A 154 -7.46 8.44 -11.11
CA ILE A 154 -8.80 8.66 -10.58
C ILE A 154 -9.76 8.57 -11.76
N THR A 155 -10.65 7.58 -11.75
CA THR A 155 -11.38 7.23 -12.96
C THR A 155 -12.85 7.00 -12.67
N LYS A 156 -13.68 7.32 -13.67
CA LYS A 156 -15.10 6.98 -13.67
C LYS A 156 -15.41 5.76 -14.52
N THR A 157 -14.40 5.10 -15.08
CA THR A 157 -14.62 3.91 -15.88
C THR A 157 -15.12 2.77 -14.99
N ARG A 158 -16.13 2.05 -15.48
CA ARG A 158 -16.74 0.99 -14.68
C ARG A 158 -15.92 -0.30 -14.76
N ASN A 159 -15.59 -0.74 -15.97
CA ASN A 159 -14.77 -1.93 -16.18
C ASN A 159 -13.42 -1.53 -16.74
N VAL A 160 -12.36 -1.90 -16.04
CA VAL A 160 -10.99 -1.50 -16.38
C VAL A 160 -10.25 -2.74 -16.88
N ASP A 161 -9.61 -2.61 -18.05
CA ASP A 161 -8.80 -3.68 -18.63
C ASP A 161 -7.40 -3.58 -18.06
N TYR A 162 -7.09 -4.43 -17.07
CA TYR A 162 -5.79 -4.33 -16.40
C TYR A 162 -4.65 -4.76 -17.30
N ASN A 163 -4.92 -5.64 -18.26
CA ASN A 163 -3.88 -6.05 -19.22
C ASN A 163 -3.42 -4.88 -20.05
N SER A 164 -4.36 -4.10 -20.59
CA SER A 164 -3.99 -2.90 -21.34
C SER A 164 -3.32 -1.87 -20.44
N PHE A 165 -3.80 -1.74 -19.20
CA PHE A 165 -3.22 -0.78 -18.27
C PHE A 165 -1.76 -1.10 -17.99
N THR A 166 -1.43 -2.37 -17.83
CA THR A 166 -0.09 -2.80 -17.44
C THR A 166 0.77 -3.26 -18.61
N SER A 167 0.27 -3.16 -19.85
CA SER A 167 1.05 -3.57 -21.02
C SER A 167 1.31 -2.45 -22.02
N SER A 168 0.74 -1.26 -21.83
CA SER A 168 0.88 -0.18 -22.79
C SER A 168 2.04 0.74 -22.43
N GLN A 169 2.34 1.66 -23.34
CA GLN A 169 3.35 2.67 -23.06
C GLN A 169 2.81 3.67 -22.04
N TRP A 170 3.72 4.16 -21.18
CA TRP A 170 3.32 4.95 -20.03
C TRP A 170 2.57 6.22 -20.41
N ASN A 171 2.91 6.81 -21.56
CA ASN A 171 2.28 8.08 -21.93
C ASN A 171 0.78 7.90 -22.18
N SER A 172 0.39 6.79 -22.81
CA SER A 172 -1.02 6.44 -23.01
C SER A 172 -1.41 5.33 -22.05
N ILE A 173 -1.71 5.70 -20.81
CA ILE A 173 -2.24 4.74 -19.85
C ILE A 173 -3.54 5.26 -19.24
N CYS A 174 -3.48 6.39 -18.56
CA CYS A 174 -4.63 6.94 -17.83
C CYS A 174 -4.98 8.29 -18.45
N THR A 175 -5.77 8.26 -19.52
CA THR A 175 -6.03 9.43 -20.33
C THR A 175 -7.53 9.55 -20.59
N GLY A 176 -7.90 10.48 -21.45
CA GLY A 176 -9.31 10.75 -21.72
C GLY A 176 -9.89 11.78 -20.74
N ASN A 177 -10.79 11.32 -19.87
CA ASN A 177 -11.30 12.15 -18.80
C ASN A 177 -10.75 11.76 -17.44
N ASP A 178 -9.93 10.71 -17.37
CA ASP A 178 -9.35 10.27 -16.11
C ASP A 178 -8.33 11.27 -15.60
N ARG A 179 -8.15 11.29 -14.29
CA ARG A 179 -7.17 12.15 -13.64
C ARG A 179 -5.90 11.36 -13.38
N LYS A 180 -4.77 11.86 -13.88
CA LYS A 180 -3.49 11.17 -13.84
C LYS A 180 -2.52 11.97 -12.97
N VAL A 181 -2.10 11.37 -11.86
CA VAL A 181 -1.21 12.04 -10.91
C VAL A 181 0.05 11.22 -10.70
N PRO A 182 1.18 11.60 -11.29
CA PRO A 182 2.45 10.94 -10.95
C PRO A 182 2.91 11.33 -9.56
N PHE A 183 3.59 10.40 -8.91
CA PHE A 183 4.16 10.67 -7.60
C PHE A 183 5.38 9.79 -7.40
N SER A 184 6.24 10.22 -6.48
CA SER A 184 7.45 9.51 -6.14
C SER A 184 7.24 8.70 -4.88
N VAL A 185 7.63 7.43 -4.91
CA VAL A 185 7.94 6.71 -3.69
C VAL A 185 9.23 7.34 -3.18
N ILE A 186 9.63 7.02 -1.97
CA ILE A 186 10.90 7.58 -1.47
C ILE A 186 11.94 6.46 -1.50
N PRO A 187 12.66 6.29 -2.61
CA PRO A 187 13.61 5.16 -2.70
C PRO A 187 14.69 5.20 -1.65
N THR A 188 15.08 6.39 -1.19
CA THR A 188 16.08 6.52 -0.13
C THR A 188 15.58 6.02 1.22
N ASP A 189 14.28 5.75 1.35
CA ASP A 189 13.77 5.15 2.58
C ASP A 189 14.09 3.67 2.70
N ASN A 190 14.43 3.01 1.58
CA ASN A 190 14.86 1.63 1.54
C ASN A 190 13.79 0.64 1.97
N GLY A 191 12.51 1.01 1.84
CA GLY A 191 11.45 0.12 2.24
C GLY A 191 11.27 -0.05 3.73
N THR A 192 11.74 0.90 4.53
CA THR A 192 11.57 0.84 5.97
C THR A 192 10.31 1.54 6.45
N LYS A 193 9.62 2.25 5.57
CA LYS A 193 8.37 2.95 5.92
C LYS A 193 7.20 2.26 5.23
N ILE A 194 6.04 2.34 5.88
CA ILE A 194 4.84 1.69 5.39
C ILE A 194 4.12 2.58 4.38
N TYR A 195 3.46 1.97 3.41
CA TYR A 195 2.58 2.68 2.49
C TYR A 195 1.14 2.30 2.77
N GLY A 196 0.24 3.26 2.71
CA GLY A 196 -1.12 2.96 3.11
C GLY A 196 -2.17 3.86 2.51
N LEU A 197 -3.41 3.39 2.58
CA LEU A 197 -4.58 4.12 2.09
C LEU A 197 -5.78 3.81 2.98
N GLU A 198 -6.44 4.85 3.45
CA GLU A 198 -7.66 4.72 4.24
C GLU A 198 -8.72 5.63 3.65
N TRP A 199 -9.99 5.24 3.78
CA TRP A 199 -11.05 5.97 3.12
C TRP A 199 -12.34 5.91 3.94
N ASN A 200 -13.14 6.97 3.83
CA ASN A 200 -14.55 6.95 4.18
C ASN A 200 -15.28 7.74 3.09
N ASP A 201 -16.55 8.01 3.32
CA ASP A 201 -17.37 8.63 2.27
C ASP A 201 -17.14 10.13 2.12
N GLU A 202 -16.33 10.76 2.98
CA GLU A 202 -16.02 12.18 2.85
C GLU A 202 -14.54 12.48 2.67
N LEU A 203 -13.64 11.56 2.98
CA LEU A 203 -12.22 11.88 3.00
C LEU A 203 -11.39 10.64 2.70
N VAL A 204 -10.32 10.82 1.93
CA VAL A 204 -9.33 9.78 1.69
C VAL A 204 -7.99 10.24 2.27
N THR A 205 -7.29 9.33 2.93
CA THR A 205 -5.99 9.61 3.53
C THR A 205 -4.96 8.64 2.98
N ALA A 206 -3.84 9.18 2.50
CA ALA A 206 -2.72 8.40 2.00
C ALA A 206 -1.53 8.51 2.94
N TYR A 207 -0.86 7.39 3.19
CA TYR A 207 0.31 7.35 4.06
C TYR A 207 1.52 6.98 3.23
N ILE A 208 2.53 7.85 3.22
CA ILE A 208 3.77 7.58 2.51
C ILE A 208 4.91 8.24 3.27
N SER A 209 6.06 7.56 3.30
CA SER A 209 7.20 7.93 4.14
C SER A 209 6.67 8.01 5.58
N GLY A 210 6.93 9.07 6.32
CA GLY A 210 6.33 9.23 7.62
C GLY A 210 5.29 10.31 7.64
N ARG A 211 4.57 10.48 6.52
CA ARG A 211 3.63 11.57 6.36
C ARG A 211 2.31 11.06 5.81
N SER A 212 1.27 11.89 5.96
CA SER A 212 -0.07 11.57 5.51
C SER A 212 -0.66 12.76 4.75
N TYR A 213 -1.44 12.45 3.73
CA TYR A 213 -2.08 13.46 2.88
C TYR A 213 -3.58 13.22 2.85
N ASN A 214 -4.34 14.31 2.92
CA ASN A 214 -5.79 14.26 2.96
C ASN A 214 -6.38 14.75 1.64
N TRP A 215 -7.48 14.13 1.24
CA TRP A 215 -8.17 14.45 -0.01
C TRP A 215 -9.66 14.47 0.28
N ASN A 216 -10.26 15.67 0.22
CA ASN A 216 -11.70 15.83 0.44
C ASN A 216 -12.45 15.44 -0.83
N ILE A 217 -13.30 14.42 -0.73
CA ILE A 217 -14.10 13.98 -1.86
C ILE A 217 -15.30 13.19 -1.36
N ASN A 218 -16.48 13.49 -1.91
CA ASN A 218 -17.70 12.76 -1.58
C ASN A 218 -17.88 11.61 -2.56
N ASN A 219 -17.86 10.39 -2.06
CA ASN A 219 -17.89 9.21 -2.91
C ASN A 219 -18.52 8.06 -2.15
N ASN A 220 -18.95 7.04 -2.89
CA ASN A 220 -19.55 5.83 -2.31
C ASN A 220 -18.59 4.66 -2.53
N TRP A 221 -17.65 4.50 -1.60
CA TRP A 221 -16.68 3.41 -1.69
C TRP A 221 -17.36 2.07 -1.37
N PHE A 222 -16.93 1.02 -2.06
CA PHE A 222 -17.51 -0.30 -1.91
C PHE A 222 -16.83 -1.15 -0.84
N ASN A 223 -15.73 -0.65 -0.26
CA ASN A 223 -14.98 -1.34 0.80
C ASN A 223 -14.35 -2.64 0.32
N ASN A 224 -13.97 -2.72 -0.95
CA ASN A 224 -13.21 -3.87 -1.44
C ASN A 224 -12.15 -3.42 -2.42
N VAL A 225 -11.09 -4.22 -2.54
CA VAL A 225 -9.90 -3.89 -3.30
C VAL A 225 -9.51 -5.07 -4.17
N THR A 226 -9.13 -4.79 -5.42
CA THR A 226 -8.60 -5.82 -6.32
C THR A 226 -7.11 -5.58 -6.52
N LEU A 227 -6.30 -6.63 -6.34
CA LEU A 227 -4.85 -6.52 -6.40
C LEU A 227 -4.29 -7.45 -7.47
N MET A 228 -3.45 -6.92 -8.35
CA MET A 228 -2.74 -7.71 -9.34
C MET A 228 -1.31 -7.91 -8.84
N TYR A 229 -0.97 -9.14 -8.45
CA TYR A 229 0.33 -9.38 -7.85
C TYR A 229 1.33 -10.05 -8.77
N SER A 230 0.89 -10.69 -9.86
CA SER A 230 1.82 -11.30 -10.79
C SER A 230 1.28 -11.23 -12.22
N ARG A 231 2.18 -10.93 -13.15
CA ARG A 231 1.94 -11.07 -14.58
C ARG A 231 3.30 -11.18 -15.27
N SER A 232 3.30 -11.18 -16.59
CA SER A 232 4.54 -11.31 -17.36
C SER A 232 5.19 -9.95 -17.57
N SER A 233 6.49 -9.98 -17.86
CA SER A 233 7.25 -8.76 -18.02
C SER A 233 6.83 -8.01 -19.28
N THR A 234 6.75 -6.68 -19.16
CA THR A 234 6.34 -5.80 -20.24
C THR A 234 7.26 -4.58 -20.21
N ALA A 235 6.86 -3.51 -20.90
CA ALA A 235 7.60 -2.26 -20.84
C ALA A 235 7.54 -1.60 -19.48
N THR A 236 6.53 -1.90 -18.66
CA THR A 236 6.41 -1.31 -17.33
C THR A 236 6.36 -2.32 -16.20
N TRP A 237 6.22 -3.61 -16.49
CA TRP A 237 6.10 -4.64 -15.46
C TRP A 237 7.29 -5.58 -15.50
N LEU A 238 7.79 -5.95 -14.33
CA LEU A 238 8.87 -6.93 -14.20
C LEU A 238 8.41 -8.06 -13.29
N HIS A 239 8.51 -9.29 -13.79
CA HIS A 239 8.04 -10.46 -13.04
C HIS A 239 8.89 -10.66 -11.79
N SER A 240 8.26 -10.53 -10.63
CA SER A 240 8.95 -10.62 -9.34
C SER A 240 7.89 -10.66 -8.23
N ALA A 241 8.36 -10.82 -7.00
CA ALA A 241 7.50 -10.83 -5.80
C ALA A 241 8.25 -10.10 -4.68
N ALA A 242 8.01 -8.79 -4.56
CA ALA A 242 8.76 -7.96 -3.64
C ALA A 242 7.90 -7.20 -2.66
N TYR A 243 6.60 -7.51 -2.56
CA TYR A 243 5.69 -6.74 -1.73
C TYR A 243 4.96 -7.66 -0.76
N VAL A 244 4.60 -7.09 0.39
CA VAL A 244 3.64 -7.71 1.29
C VAL A 244 2.55 -6.69 1.57
N TYR A 245 1.37 -7.17 1.92
CA TYR A 245 0.22 -6.28 2.02
C TYR A 245 -0.77 -6.84 3.03
N GLN A 246 -1.65 -5.96 3.51
CA GLN A 246 -2.68 -6.33 4.46
C GLN A 246 -3.88 -5.40 4.31
N GLY A 247 -5.07 -6.00 4.27
CA GLY A 247 -6.30 -5.25 4.33
C GLY A 247 -6.86 -5.28 5.75
N VAL A 248 -7.20 -4.10 6.26
CA VAL A 248 -7.66 -3.93 7.63
C VAL A 248 -9.14 -3.63 7.61
N SER A 249 -9.92 -4.46 8.32
CA SER A 249 -11.36 -4.38 8.40
C SER A 249 -11.91 -4.09 9.79
N ASN A 250 -11.20 -4.46 10.85
CA ASN A 250 -11.70 -4.34 12.21
C ASN A 250 -10.96 -3.26 13.00
N PHE A 251 -11.66 -2.70 13.98
CA PHE A 251 -11.06 -1.71 14.87
C PHE A 251 -10.05 -2.38 15.79
N THR A 252 -8.85 -1.83 15.83
CA THR A 252 -7.70 -2.40 16.53
C THR A 252 -7.20 -1.42 17.58
N TYR A 253 -6.75 -1.95 18.72
CA TYR A 253 -6.28 -1.15 19.84
C TYR A 253 -4.81 -1.43 20.11
N TYR A 254 -4.03 -0.36 20.27
CA TYR A 254 -2.63 -0.45 20.63
C TYR A 254 -2.36 0.40 21.86
N LYS A 255 -1.60 -0.14 22.80
CA LYS A 255 -1.12 0.61 23.95
C LYS A 255 0.28 1.13 23.62
N LEU A 256 0.45 2.46 23.62
CA LEU A 256 1.70 3.12 23.28
C LEU A 256 2.30 3.72 24.54
N ASN A 257 3.59 3.48 24.75
CA ASN A 257 4.31 3.92 25.93
C ASN A 257 5.60 4.60 25.50
N ASN A 258 5.77 5.86 25.90
CA ASN A 258 6.97 6.63 25.60
C ASN A 258 7.63 6.97 26.93
N THR A 259 8.79 6.36 27.20
CA THR A 259 9.52 6.56 28.44
C THR A 259 10.96 6.96 28.10
N ASN A 260 11.31 8.21 28.38
CA ASN A 260 12.67 8.73 28.17
C ASN A 260 13.08 8.61 26.69
N GLY A 261 12.12 8.79 25.79
CA GLY A 261 12.38 8.66 24.37
C GLY A 261 12.40 7.24 23.87
N LEU A 262 12.20 6.26 24.74
CA LEU A 262 12.06 4.87 24.34
C LEU A 262 10.59 4.59 24.05
N LYS A 263 10.29 4.22 22.81
CA LYS A 263 8.91 4.07 22.35
C LYS A 263 8.59 2.59 22.19
N THR A 264 7.61 2.12 22.95
CA THR A 264 7.18 0.73 22.89
C THR A 264 5.67 0.67 22.67
N TYR A 265 5.22 -0.45 22.13
CA TYR A 265 3.81 -0.66 21.88
C TYR A 265 3.43 -2.09 22.23
N GLU A 266 2.15 -2.27 22.53
CA GLU A 266 1.59 -3.59 22.77
C GLU A 266 0.23 -3.68 22.11
N PHE A 267 -0.01 -4.76 21.39
CA PHE A 267 -1.30 -4.99 20.74
C PHE A 267 -2.31 -5.47 21.78
N CYS A 268 -3.40 -4.72 21.96
CA CYS A 268 -4.43 -5.11 22.92
C CYS A 268 -5.40 -6.06 22.23
N GLU A 269 -5.45 -7.30 22.69
CA GLU A 269 -6.42 -8.25 22.16
C GLU A 269 -7.85 -7.77 22.44
N ASP A 270 -8.10 -7.32 23.66
CA ASP A 270 -9.36 -6.69 24.03
C ASP A 270 -9.05 -5.37 24.74
N TYR A 271 -9.87 -4.36 24.46
CA TYR A 271 -9.68 -3.06 25.10
C TYR A 271 -9.88 -3.15 26.61
N GLU A 272 -10.73 -4.08 27.06
CA GLU A 272 -11.04 -4.20 28.48
C GLU A 272 -9.88 -4.75 29.30
N TYR A 273 -8.85 -5.29 28.65
CA TYR A 273 -7.72 -5.86 29.38
C TYR A 273 -6.63 -4.81 29.65
N CYS A 274 -6.19 -4.09 28.62
CA CYS A 274 -5.06 -3.20 28.80
C CYS A 274 -5.45 -1.92 29.53
N THR A 275 -6.69 -1.47 29.35
CA THR A 275 -7.16 -0.30 30.08
C THR A 275 -7.93 -0.66 31.35
N GLY A 276 -8.51 -1.85 31.41
CA GLY A 276 -9.29 -2.26 32.56
C GLY A 276 -10.72 -1.75 32.53
C1 NAG B . 19.30 3.41 2.38
C2 NAG B . 19.81 4.31 3.50
C3 NAG B . 21.00 5.12 2.99
C4 NAG B . 22.07 4.21 2.39
C5 NAG B . 21.41 3.30 1.35
C6 NAG B . 22.35 2.31 0.69
C7 NAG B . 18.14 5.13 5.15
C8 NAG B . 18.66 4.07 6.10
N2 NAG B . 18.74 5.18 3.95
O3 NAG B . 21.49 5.89 4.06
O4 NAG B . 23.03 5.04 1.79
O5 NAG B . 20.36 2.58 1.96
O6 NAG B . 22.66 1.28 1.58
O7 NAG B . 17.24 5.88 5.48
C1 NAG B . 24.27 4.97 2.54
C2 NAG B . 25.41 5.40 1.59
C3 NAG B . 26.72 5.59 2.35
C4 NAG B . 26.51 6.45 3.60
C5 NAG B . 25.40 5.81 4.44
C6 NAG B . 25.15 6.50 5.75
C7 NAG B . 25.51 4.63 -0.77
C8 NAG B . 25.23 6.05 -1.19
N2 NAG B . 25.59 4.41 0.56
O3 NAG B . 27.65 6.17 1.47
O4 NAG B . 27.73 6.49 4.29
O5 NAG B . 24.22 5.82 3.66
O6 NAG B . 24.72 5.56 6.70
O7 NAG B . 25.68 3.75 -1.60
C1 NAG C . -17.14 -4.78 -4.35
C2 NAG C . -17.36 -5.95 -5.32
C3 NAG C . -18.46 -5.60 -6.32
C4 NAG C . -19.72 -5.20 -5.58
C5 NAG C . -19.37 -4.06 -4.60
C6 NAG C . -20.56 -3.58 -3.80
C7 NAG C . -15.36 -7.33 -5.66
C8 NAG C . -14.12 -7.51 -6.51
N2 NAG C . -16.14 -6.29 -6.00
O3 NAG C . -18.66 -6.71 -7.15
O4 NAG C . -20.62 -4.75 -6.56
O5 NAG C . -18.36 -4.50 -3.73
O6 NAG C . -20.96 -4.58 -2.90
O7 NAG C . -15.62 -8.09 -4.75
C1 NAG C . -21.74 -5.63 -6.65
C2 NAG C . -22.80 -4.95 -7.52
C3 NAG C . -23.98 -5.90 -7.79
C4 NAG C . -23.46 -7.23 -8.31
C5 NAG C . -22.43 -7.80 -7.33
C6 NAG C . -21.86 -9.13 -7.75
C7 NAG C . -22.90 -2.48 -7.23
C8 NAG C . -21.94 -2.35 -8.38
N2 NAG C . -23.27 -3.74 -6.89
O3 NAG C . -24.84 -5.27 -8.69
O4 NAG C . -24.57 -8.09 -8.45
O5 NAG C . -21.37 -6.87 -7.22
O6 NAG C . -21.21 -9.01 -8.99
O7 NAG C . -23.33 -1.49 -6.66
C1 NAG D . 6.62 2.26 29.98
C2 NAG D . 5.90 1.75 31.23
C3 NAG D . 6.78 1.97 32.45
C4 NAG D . 8.21 1.46 32.25
C5 NAG D . 8.76 1.88 30.89
C6 NAG D . 10.06 1.21 30.51
C7 NAG D . 3.47 1.79 31.63
C8 NAG D . 2.27 2.70 31.78
N2 NAG D . 4.63 2.41 31.40
O3 NAG D . 6.17 1.33 33.55
O4 NAG D . 8.98 2.04 33.28
O5 NAG D . 7.83 1.56 29.88
O6 NAG D . 9.83 -0.17 30.33
O7 NAG D . 3.36 0.58 31.73
C1 NAG D . 9.59 1.00 34.07
C2 NAG D . 10.72 1.66 34.90
C3 NAG D . 11.34 0.61 35.83
C4 NAG D . 10.26 -0.05 36.67
C5 NAG D . 9.18 -0.63 35.74
C6 NAG D . 8.01 -1.25 36.48
C7 NAG D . 11.95 3.57 33.96
C8 NAG D . 13.03 3.96 32.97
N2 NAG D . 11.70 2.24 34.03
O3 NAG D . 12.30 1.26 36.62
O4 NAG D . 10.88 -1.06 37.43
O5 NAG D . 8.65 0.41 34.93
O6 NAG D . 6.92 -0.36 36.47
O7 NAG D . 11.36 4.40 34.63
C1 NAG E . 5.48 -15.55 13.30
C2 NAG E . 5.25 -16.90 12.61
C3 NAG E . 4.95 -18.02 13.61
C4 NAG E . 5.83 -17.99 14.85
C5 NAG E . 5.82 -16.56 15.41
C6 NAG E . 6.65 -16.34 16.67
C7 NAG E . 4.17 -16.92 10.37
C8 NAG E . 5.51 -17.22 9.77
N2 NAG E . 4.13 -16.78 11.71
O3 NAG E . 5.08 -19.24 12.93
O4 NAG E . 5.27 -18.90 15.77
O5 NAG E . 6.34 -15.71 14.41
O6 NAG E . 7.94 -15.93 16.32
O7 NAG E . 3.16 -16.80 9.67
C1 NAG E . 6.27 -19.85 16.21
C2 NAG E . 5.85 -20.36 17.60
C3 NAG E . 6.84 -21.43 18.08
C4 NAG E . 7.01 -22.51 17.03
C5 NAG E . 7.39 -21.87 15.70
C6 NAG E . 7.60 -22.84 14.56
C7 NAG E . 4.66 -18.82 19.10
C8 NAG E . 4.83 -17.67 20.06
N2 NAG E . 5.79 -19.28 18.54
O3 NAG E . 6.36 -21.94 19.30
O4 NAG E . 8.01 -23.38 17.49
O5 NAG E . 6.37 -20.94 15.33
O6 NAG E . 6.38 -23.51 14.28
O7 NAG E . 3.55 -19.28 18.86
C1 FUC E . 8.76 -15.84 17.51
C2 FUC E . 10.16 -16.33 17.15
C3 FUC E . 10.82 -15.38 16.17
C4 FUC E . 10.85 -13.96 16.73
C5 FUC E . 9.42 -13.56 17.11
C6 FUC E . 9.34 -12.21 17.79
O2 FUC E . 10.05 -17.65 16.66
O3 FUC E . 12.09 -15.88 15.87
O4 FUC E . 11.73 -13.94 17.83
O5 FUC E . 8.82 -14.52 17.98
C1 NAG F . 23.25 4.15 -9.86
C2 NAG F . 24.06 3.63 -11.06
C3 NAG F . 25.11 4.66 -11.47
C4 NAG F . 24.53 6.06 -11.62
C5 NAG F . 23.69 6.39 -10.38
C6 NAG F . 23.04 7.75 -10.41
C7 NAG F . 24.28 1.18 -11.24
C8 NAG F . 23.08 1.20 -12.15
N2 NAG F . 24.68 2.37 -10.76
O3 NAG F . 25.71 4.21 -12.65
O4 NAG F . 25.63 6.93 -11.75
O5 NAG F . 22.71 5.39 -10.21
O6 NAG F . 22.27 7.88 -11.58
O7 NAG F . 24.85 0.13 -10.97
C1 NAG F . 25.51 7.73 -12.93
C2 NAG F . 26.55 8.86 -12.83
C3 NAG F . 26.53 9.69 -14.11
C4 NAG F . 26.67 8.80 -15.33
C5 NAG F . 25.60 7.71 -15.29
C6 NAG F . 25.67 6.75 -16.46
C7 NAG F . 26.98 9.69 -10.53
C8 NAG F . 28.11 8.68 -10.46
N2 NAG F . 26.29 9.70 -11.68
O3 NAG F . 27.57 10.63 -14.02
O4 NAG F . 26.53 9.63 -16.46
O5 NAG F . 25.75 6.98 -14.09
O6 NAG F . 25.46 7.45 -17.66
O7 NAG F . 26.73 10.42 -9.59
C1 FUC F . 22.14 9.28 -11.91
C2 FUC F . 21.67 9.42 -13.35
C3 FUC F . 20.25 8.87 -13.51
C4 FUC F . 19.31 9.55 -12.53
C5 FUC F . 19.88 9.39 -11.12
C6 FUC F . 19.09 10.13 -10.06
O2 FUC F . 22.59 8.76 -14.19
O3 FUC F . 19.88 9.07 -14.86
O4 FUC F . 19.18 10.90 -12.92
O5 FUC F . 21.21 9.90 -11.07
C1 NAG G . 7.26 -14.05 -1.19
C2 NAG G . 8.59 -13.32 -0.99
C3 NAG G . 9.55 -13.71 -2.11
C4 NAG G . 9.65 -15.21 -2.36
C5 NAG G . 8.24 -15.80 -2.42
C6 NAG G . 8.17 -17.31 -2.52
C7 NAG G . 8.78 -11.02 -0.04
C8 NAG G . 9.42 -11.63 1.17
N2 NAG G . 8.41 -11.90 -1.01
O3 NAG G . 10.81 -13.16 -1.82
O4 NAG G . 10.36 -15.35 -3.56
O5 NAG G . 7.52 -15.43 -1.28
O6 NAG G . 6.85 -17.76 -2.35
O7 NAG G . 8.59 -9.83 -0.15
C1 NAG G . 11.30 -16.44 -3.51
C2 NAG G . 11.38 -17.07 -4.90
C3 NAG G . 12.28 -18.29 -4.83
C4 NAG G . 13.66 -17.86 -4.32
C5 NAG G . 13.52 -17.10 -3.00
C6 NAG G . 14.82 -16.52 -2.50
C7 NAG G . 9.42 -16.68 -6.33
C8 NAG G . 8.08 -17.22 -6.75
N2 NAG G . 10.09 -17.42 -5.43
O3 NAG G . 12.35 -18.86 -6.11
O4 NAG G . 14.43 -19.03 -4.17
O5 NAG G . 12.60 -16.02 -3.16
O6 NAG G . 15.28 -15.56 -3.42
O7 NAG G . 9.86 -15.64 -6.79
C1 NAG H . -13.85 -8.67 13.14
C2 NAG H . -13.50 -10.12 13.48
C3 NAG H . -14.75 -10.98 13.33
C4 NAG H . -15.89 -10.41 14.16
C5 NAG H . -16.10 -8.94 13.79
C6 NAG H . -17.18 -8.24 14.58
C7 NAG H . -11.15 -10.69 13.04
C8 NAG H . -10.20 -11.20 11.98
N2 NAG H . -12.42 -10.58 12.64
O3 NAG H . -14.42 -12.29 13.72
O4 NAG H . -17.03 -11.18 13.89
O5 NAG H . -14.88 -8.25 13.99
O6 NAG H . -18.45 -8.77 14.25
O7 NAG H . -10.76 -10.40 14.16
#